data_5R66
#
_entry.id   5R66
#
_cell.length_a   59.690
_cell.length_b   59.690
_cell.length_c   214.740
_cell.angle_alpha   90.000
_cell.angle_beta   90.000
_cell.angle_gamma   120.000
#
_symmetry.space_group_name_H-M   'P 32 2 1'
#
loop_
_entity.id
_entity.type
_entity.pdbx_description
1 polymer 'Cleavage and polyadenylation specificity factor subunit 5'
2 non-polymer 'ZINC ION'
3 non-polymer 'ACETATE ION'
4 non-polymer N-(2,3-dimethylphenyl)-2-(morpholin-4-yl)acetamide
5 water water
#
_entity_poly.entity_id   1
_entity_poly.type   'polypeptide(L)'
_entity_poly.pdbx_seq_one_letter_code
;SMLERTINLYPLTNYTFGTKEPLYEKDSSVAARFQRMREEFDKIGMRRTVEGVLIVHEHRLPHVLLLQLGTTFFKLPGGE
LNPGEDEVEGLKRLMTEILGRQDGVLQDWVIDDCIGNWWRPNFEPPQYPYIPAHITKPKEHKKLFLVQLQEKALFAVPKN
YKLVAAPLFELYDNAPGYGPIISSLPQLLSRFNFIYN
;
_entity_poly.pdbx_strand_id   A,B
#
# COMPACT_ATOMS: atom_id res chain seq x y z
N SER A 1 -29.92 -16.32 -35.15
CA SER A 1 -30.43 -15.36 -34.12
C SER A 1 -30.27 -15.95 -32.71
N MET A 2 -29.03 -16.31 -32.35
CA MET A 2 -28.54 -16.36 -30.95
C MET A 2 -27.17 -15.65 -30.94
N LEU A 3 -27.19 -14.34 -30.65
CA LEU A 3 -25.98 -13.45 -30.60
C LEU A 3 -25.63 -13.08 -29.15
N GLU A 4 -26.33 -13.63 -28.16
CA GLU A 4 -26.10 -13.32 -26.72
C GLU A 4 -25.01 -14.26 -26.18
N ARG A 5 -24.08 -13.69 -25.44
CA ARG A 5 -23.15 -14.40 -24.55
C ARG A 5 -23.92 -15.14 -23.45
N THR A 6 -23.59 -16.40 -23.23
CA THR A 6 -24.22 -17.27 -22.20
C THR A 6 -23.36 -17.29 -20.94
N ILE A 7 -23.93 -16.97 -19.79
CA ILE A 7 -23.15 -16.86 -18.51
C ILE A 7 -23.77 -17.77 -17.44
N ASN A 8 -22.97 -18.66 -16.83
CA ASN A 8 -23.45 -19.54 -15.73
C ASN A 8 -23.54 -18.73 -14.42
N LEU A 9 -24.71 -18.73 -13.77
CA LEU A 9 -24.86 -18.23 -12.36
C LEU A 9 -25.07 -19.39 -11.41
N TYR A 10 -24.70 -19.19 -10.13
CA TYR A 10 -24.82 -20.22 -9.07
C TYR A 10 -25.54 -19.62 -7.88
N PRO A 11 -26.19 -20.46 -7.04
CA PRO A 11 -26.90 -19.97 -5.85
C PRO A 11 -25.93 -19.29 -4.88
N LEU A 12 -26.34 -18.19 -4.26
CA LEU A 12 -25.53 -17.41 -3.29
C LEU A 12 -25.03 -18.31 -2.13
N THR A 13 -25.82 -19.32 -1.73
CA THR A 13 -25.46 -20.30 -0.68
C THR A 13 -24.37 -21.26 -1.18
N ASN A 14 -24.03 -21.27 -2.48
CA ASN A 14 -22.82 -22.02 -2.94
C ASN A 14 -21.52 -21.34 -2.46
N TYR A 15 -21.55 -20.09 -2.01
CA TYR A 15 -20.30 -19.34 -1.73
C TYR A 15 -20.16 -19.15 -0.22
N THR A 16 -18.93 -19.19 0.29
CA THR A 16 -18.60 -18.91 1.71
C THR A 16 -17.92 -17.53 1.85
N PHE A 17 -18.46 -16.68 2.71
CA PHE A 17 -17.92 -15.34 3.05
C PHE A 17 -17.24 -15.36 4.43
N GLY A 18 -15.94 -15.64 4.46
CA GLY A 18 -15.08 -15.48 5.65
C GLY A 18 -14.72 -14.03 5.91
N THR A 19 -13.93 -13.77 6.95
CA THR A 19 -13.39 -12.43 7.34
C THR A 19 -11.87 -12.42 7.29
N LYS A 20 -11.27 -11.23 7.24
CA LYS A 20 -9.82 -11.01 7.44
C LYS A 20 -9.61 -9.59 7.97
N GLU A 21 -8.35 -9.15 8.02
CA GLU A 21 -7.94 -7.86 8.66
C GLU A 21 -8.55 -6.67 7.90
N PRO A 22 -8.77 -5.51 8.53
CA PRO A 22 -9.26 -4.34 7.79
C PRO A 22 -8.31 -4.04 6.61
N LEU A 23 -8.88 -3.52 5.54
CA LEU A 23 -8.15 -2.98 4.39
C LEU A 23 -8.51 -1.49 4.31
N TYR A 24 -7.55 -0.59 4.47
CA TYR A 24 -7.84 0.88 4.51
C TYR A 24 -7.66 1.50 3.12
N GLU A 25 -8.40 2.59 2.87
CA GLU A 25 -8.34 3.33 1.58
C GLU A 25 -7.04 4.15 1.56
N LYS A 26 -6.50 4.48 0.39
CA LYS A 26 -5.28 5.34 0.27
C LYS A 26 -5.62 6.76 0.73
N ASP A 27 -6.86 7.20 0.54
CA ASP A 27 -7.26 8.60 0.83
C ASP A 27 -8.24 8.60 2.01
N SER A 28 -7.98 9.42 3.03
CA SER A 28 -8.82 9.49 4.25
C SER A 28 -9.93 10.56 4.12
N SER A 29 -10.08 11.18 2.94
CA SER A 29 -11.12 12.22 2.66
C SER A 29 -11.24 12.48 1.15
N VAL A 30 -12.39 12.98 0.73
CA VAL A 30 -12.63 13.48 -0.66
C VAL A 30 -11.50 14.45 -1.03
N ALA A 31 -11.19 15.41 -0.16
CA ALA A 31 -10.18 16.46 -0.45
C ALA A 31 -8.80 15.80 -0.71
N ALA A 32 -8.33 14.93 0.19
CA ALA A 32 -7.09 14.13 0.01
C ALA A 32 -7.16 13.37 -1.33
N ARG A 33 -8.27 12.69 -1.58
CA ARG A 33 -8.49 11.86 -2.78
C ARG A 33 -8.21 12.67 -4.04
N PHE A 34 -8.82 13.85 -4.17
CA PHE A 34 -8.66 14.70 -5.38
C PHE A 34 -7.27 15.39 -5.36
N GLN A 35 -6.66 15.59 -4.19
CA GLN A 35 -5.27 16.11 -4.10
C GLN A 35 -4.30 15.07 -4.71
N ARG A 36 -4.37 13.82 -4.27
CA ARG A 36 -3.46 12.75 -4.79
C ARG A 36 -3.72 12.55 -6.30
N MET A 37 -4.96 12.63 -6.78
CA MET A 37 -5.26 12.48 -8.23
C MET A 37 -4.51 13.56 -9.05
N ARG A 38 -4.47 14.79 -8.54
N ARG A 38 -4.48 14.80 -8.53
CA ARG A 38 -3.74 15.93 -9.16
CA ARG A 38 -3.75 15.95 -9.13
C ARG A 38 -2.23 15.64 -9.17
C ARG A 38 -2.23 15.65 -9.17
N GLU A 39 -1.68 15.18 -8.05
CA GLU A 39 -0.22 14.92 -7.91
C GLU A 39 0.21 13.79 -8.87
N GLU A 40 -0.56 12.70 -8.95
CA GLU A 40 -0.20 11.58 -9.85
C GLU A 40 -0.49 11.99 -11.31
N PHE A 41 -1.57 12.71 -11.60
CA PHE A 41 -1.81 13.19 -12.99
C PHE A 41 -0.51 13.84 -13.49
N ASP A 42 0.09 14.75 -12.71
CA ASP A 42 1.32 15.50 -13.13
C ASP A 42 2.53 14.57 -13.31
N LYS A 43 2.61 13.45 -12.58
CA LYS A 43 3.78 12.53 -12.59
C LYS A 43 3.61 11.46 -13.68
N ILE A 44 2.42 10.85 -13.80
CA ILE A 44 2.21 9.64 -14.65
C ILE A 44 0.98 9.79 -15.57
N GLY A 45 0.31 10.94 -15.58
CA GLY A 45 -0.85 11.17 -16.49
C GLY A 45 -2.11 10.45 -16.02
N MET A 46 -3.05 10.26 -16.93
CA MET A 46 -4.44 9.82 -16.64
C MET A 46 -4.44 8.60 -15.68
N ARG A 47 -5.18 8.67 -14.58
CA ARG A 47 -5.47 7.50 -13.73
C ARG A 47 -6.27 6.45 -14.54
N ARG A 48 -5.86 5.18 -14.43
CA ARG A 48 -6.50 4.00 -15.07
C ARG A 48 -7.02 3.06 -13.98
N THR A 49 -8.34 2.97 -13.84
N THR A 49 -8.35 2.93 -13.89
CA THR A 49 -9.03 2.08 -12.85
CA THR A 49 -9.07 2.13 -12.86
C THR A 49 -9.72 0.94 -13.57
C THR A 49 -9.78 0.96 -13.55
N VAL A 50 -9.88 -0.18 -12.86
CA VAL A 50 -10.59 -1.40 -13.34
C VAL A 50 -11.53 -1.85 -12.22
N GLU A 51 -12.71 -2.36 -12.59
CA GLU A 51 -13.76 -2.81 -11.64
C GLU A 51 -14.42 -4.08 -12.14
N GLY A 52 -14.72 -4.99 -11.22
CA GLY A 52 -15.31 -6.31 -11.52
C GLY A 52 -16.76 -6.41 -11.08
N VAL A 53 -17.61 -6.98 -11.94
CA VAL A 53 -19.05 -7.23 -11.67
C VAL A 53 -19.21 -8.74 -11.47
N LEU A 54 -19.46 -9.16 -10.24
CA LEU A 54 -19.61 -10.59 -9.85
C LEU A 54 -21.09 -10.85 -9.61
N ILE A 55 -21.64 -11.87 -10.24
CA ILE A 55 -23.11 -12.11 -10.20
C ILE A 55 -23.37 -13.49 -9.64
N VAL A 56 -24.37 -13.55 -8.76
CA VAL A 56 -24.94 -14.84 -8.29
C VAL A 56 -26.46 -14.87 -8.55
N HIS A 57 -27.13 -15.92 -8.07
CA HIS A 57 -28.62 -15.90 -7.96
C HIS A 57 -29.13 -16.56 -6.67
N GLU A 58 -30.37 -16.21 -6.30
N GLU A 58 -30.35 -16.23 -6.27
CA GLU A 58 -31.22 -16.91 -5.29
CA GLU A 58 -31.15 -17.12 -5.39
C GLU A 58 -32.62 -17.12 -5.90
C GLU A 58 -32.59 -17.15 -5.89
N HIS A 59 -33.10 -18.37 -5.99
CA HIS A 59 -34.45 -18.69 -6.53
C HIS A 59 -34.56 -18.03 -7.92
N ARG A 60 -33.46 -18.08 -8.69
CA ARG A 60 -33.38 -17.72 -10.12
C ARG A 60 -33.48 -16.20 -10.33
N LEU A 61 -33.21 -15.38 -9.31
CA LEU A 61 -33.07 -13.91 -9.45
C LEU A 61 -31.59 -13.50 -9.39
N PRO A 62 -31.07 -12.75 -10.39
CA PRO A 62 -29.66 -12.35 -10.39
C PRO A 62 -29.45 -11.26 -9.32
N HIS A 63 -28.31 -11.35 -8.62
CA HIS A 63 -27.85 -10.32 -7.65
C HIS A 63 -26.39 -9.96 -7.98
N VAL A 64 -26.01 -8.70 -7.83
CA VAL A 64 -24.59 -8.22 -7.97
C VAL A 64 -23.98 -8.14 -6.55
N LEU A 65 -22.79 -8.71 -6.37
CA LEU A 65 -21.98 -8.57 -5.13
C LEU A 65 -21.39 -7.17 -5.08
N LEU A 66 -21.81 -6.37 -4.10
CA LEU A 66 -21.25 -5.03 -3.81
C LEU A 66 -20.50 -5.06 -2.47
N LEU A 67 -19.44 -4.27 -2.35
CA LEU A 67 -18.74 -4.00 -1.06
C LEU A 67 -19.32 -2.75 -0.43
N GLN A 68 -19.73 -2.83 0.83
CA GLN A 68 -20.24 -1.69 1.61
C GLN A 68 -19.17 -1.28 2.62
N LEU A 69 -18.68 -0.06 2.52
CA LEU A 69 -17.66 0.43 3.46
C LEU A 69 -18.42 0.92 4.70
N GLY A 70 -18.30 0.18 5.82
CA GLY A 70 -19.05 0.38 7.07
C GLY A 70 -20.54 0.27 6.82
N THR A 71 -21.27 1.37 7.00
CA THR A 71 -22.69 1.48 6.56
C THR A 71 -22.79 2.71 5.64
N THR A 72 -21.69 3.07 4.97
CA THR A 72 -21.56 4.28 4.10
C THR A 72 -21.69 3.86 2.62
N PHE A 73 -20.65 4.10 1.79
CA PHE A 73 -20.66 4.00 0.31
C PHE A 73 -20.70 2.52 -0.13
N PHE A 74 -21.35 2.25 -1.26
CA PHE A 74 -21.29 0.95 -1.97
C PHE A 74 -20.25 1.04 -3.08
N LYS A 75 -19.48 -0.02 -3.31
CA LYS A 75 -18.45 0.03 -4.40
C LYS A 75 -18.28 -1.36 -5.02
N LEU A 76 -17.83 -1.43 -6.26
CA LEU A 76 -17.39 -2.68 -6.91
C LEU A 76 -15.98 -3.06 -6.44
N PRO A 77 -15.66 -4.36 -6.34
CA PRO A 77 -14.27 -4.77 -6.20
C PRO A 77 -13.39 -4.30 -7.37
N GLY A 78 -12.29 -3.62 -7.08
CA GLY A 78 -11.38 -3.12 -8.13
C GLY A 78 -10.39 -2.14 -7.58
N GLY A 79 -9.74 -1.38 -8.45
CA GLY A 79 -8.88 -0.28 -8.00
C GLY A 79 -8.00 0.23 -9.10
N GLU A 80 -6.86 0.80 -8.74
CA GLU A 80 -5.98 1.56 -9.66
C GLU A 80 -4.92 0.61 -10.23
N LEU A 81 -4.72 0.64 -11.55
CA LEU A 81 -3.61 -0.04 -12.24
C LEU A 81 -2.29 0.71 -11.97
N ASN A 82 -1.16 0.02 -11.97
CA ASN A 82 0.21 0.64 -12.09
C ASN A 82 0.51 0.97 -13.55
N PRO A 83 1.44 1.91 -13.82
CA PRO A 83 1.79 2.26 -15.20
C PRO A 83 2.41 1.04 -15.91
N GLY A 84 1.98 0.79 -17.13
CA GLY A 84 2.36 -0.38 -17.93
C GLY A 84 1.62 -1.67 -17.53
N GLU A 85 0.73 -1.67 -16.53
CA GLU A 85 0.07 -2.94 -16.11
C GLU A 85 -1.14 -3.27 -17.01
N ASP A 86 -1.18 -4.50 -17.56
CA ASP A 86 -2.34 -5.14 -18.26
C ASP A 86 -3.64 -4.94 -17.46
N GLU A 87 -4.73 -4.55 -18.14
CA GLU A 87 -6.03 -4.27 -17.46
C GLU A 87 -6.57 -5.53 -16.76
N VAL A 88 -6.54 -6.68 -17.43
CA VAL A 88 -7.13 -7.95 -16.90
C VAL A 88 -6.23 -8.52 -15.80
N GLU A 89 -4.91 -8.63 -16.03
CA GLU A 89 -3.96 -9.09 -14.97
C GLU A 89 -4.12 -8.16 -13.75
N GLY A 90 -4.31 -6.87 -13.98
CA GLY A 90 -4.49 -5.89 -12.88
C GLY A 90 -5.80 -6.12 -12.12
N LEU A 91 -6.91 -6.35 -12.80
CA LEU A 91 -8.19 -6.59 -12.07
C LEU A 91 -8.05 -7.87 -11.22
N LYS A 92 -7.40 -8.91 -11.73
CA LYS A 92 -7.22 -10.18 -10.96
C LYS A 92 -6.38 -9.95 -9.70
N ARG A 93 -5.29 -9.18 -9.86
CA ARG A 93 -4.42 -8.79 -8.72
C ARG A 93 -5.28 -8.10 -7.69
N LEU A 94 -6.05 -7.10 -8.11
CA LEU A 94 -6.87 -6.21 -7.22
C LEU A 94 -7.96 -7.00 -6.49
N MET A 95 -8.59 -7.95 -7.18
CA MET A 95 -9.65 -8.80 -6.59
C MET A 95 -9.04 -9.84 -5.64
N THR A 96 -7.83 -10.32 -5.91
CA THR A 96 -7.11 -11.22 -4.96
C THR A 96 -6.79 -10.41 -3.71
N GLU A 97 -6.21 -9.22 -3.83
CA GLU A 97 -5.92 -8.37 -2.63
C GLU A 97 -7.19 -8.12 -1.81
N ILE A 98 -8.34 -7.86 -2.43
CA ILE A 98 -9.58 -7.49 -1.68
C ILE A 98 -10.26 -8.74 -1.07
N LEU A 99 -10.51 -9.80 -1.86
CA LEU A 99 -11.34 -10.98 -1.46
C LEU A 99 -10.54 -12.29 -1.41
N GLY A 100 -9.23 -12.26 -1.70
CA GLY A 100 -8.37 -13.47 -1.70
C GLY A 100 -8.28 -14.07 -0.30
N ARG A 101 -8.01 -15.39 -0.20
CA ARG A 101 -8.19 -16.19 1.04
C ARG A 101 -7.01 -16.08 2.02
N GLN A 102 -7.33 -16.07 3.31
CA GLN A 102 -6.38 -15.99 4.46
C GLN A 102 -5.41 -17.18 4.45
N ASP A 103 -5.79 -18.30 3.80
CA ASP A 103 -5.00 -19.56 3.73
C ASP A 103 -4.15 -19.62 2.46
N GLY A 104 -4.18 -18.58 1.62
CA GLY A 104 -3.30 -18.43 0.44
C GLY A 104 -3.48 -19.52 -0.62
N VAL A 105 -4.74 -19.91 -0.86
CA VAL A 105 -5.13 -20.86 -1.94
C VAL A 105 -5.53 -19.95 -3.10
N LEU A 106 -5.06 -20.24 -4.33
CA LEU A 106 -5.25 -19.27 -5.43
C LEU A 106 -6.60 -19.34 -6.16
N GLN A 107 -7.40 -18.30 -5.95
CA GLN A 107 -8.72 -18.11 -6.57
C GLN A 107 -8.56 -18.12 -8.09
N ASP A 108 -9.49 -18.76 -8.79
CA ASP A 108 -9.37 -18.80 -10.27
C ASP A 108 -10.38 -17.81 -10.83
N TRP A 109 -9.92 -16.62 -11.21
CA TRP A 109 -10.82 -15.59 -11.78
C TRP A 109 -10.89 -15.78 -13.29
N VAL A 110 -12.08 -15.78 -13.85
CA VAL A 110 -12.31 -15.84 -15.34
C VAL A 110 -12.91 -14.49 -15.77
N ILE A 111 -12.24 -13.78 -16.68
CA ILE A 111 -12.66 -12.43 -17.15
C ILE A 111 -12.62 -12.44 -18.68
N ASP A 112 -13.77 -12.48 -19.37
CA ASP A 112 -13.79 -12.61 -20.85
C ASP A 112 -14.64 -11.52 -21.52
N ASP A 113 -15.25 -10.60 -20.76
CA ASP A 113 -16.30 -9.68 -21.24
C ASP A 113 -16.04 -8.26 -20.71
N CYS A 114 -15.92 -7.25 -21.57
CA CYS A 114 -16.02 -5.81 -21.19
C CYS A 114 -17.50 -5.46 -21.12
N ILE A 115 -17.93 -4.72 -20.10
N ILE A 115 -17.90 -4.69 -20.10
CA ILE A 115 -19.35 -4.27 -20.02
CA ILE A 115 -19.32 -4.29 -19.93
C ILE A 115 -19.47 -2.74 -20.07
C ILE A 115 -19.47 -2.77 -20.02
N GLY A 116 -18.40 -1.98 -19.77
CA GLY A 116 -18.47 -0.50 -19.91
C GLY A 116 -17.14 0.24 -19.78
N ASN A 117 -17.17 1.52 -20.15
CA ASN A 117 -16.07 2.51 -20.05
C ASN A 117 -16.65 3.81 -19.44
N TRP A 118 -16.04 4.37 -18.39
CA TRP A 118 -16.44 5.70 -17.85
C TRP A 118 -15.18 6.60 -17.77
N TRP A 119 -15.40 7.89 -17.92
CA TRP A 119 -14.35 8.93 -18.03
C TRP A 119 -14.67 10.09 -17.09
N ARG A 120 -13.67 10.57 -16.35
CA ARG A 120 -13.74 11.72 -15.40
C ARG A 120 -12.97 12.90 -15.99
N PRO A 121 -13.66 13.95 -16.51
CA PRO A 121 -12.97 15.04 -17.20
C PRO A 121 -12.14 16.00 -16.34
N ASN A 122 -12.44 16.12 -15.05
CA ASN A 122 -11.80 17.07 -14.10
C ASN A 122 -11.48 16.36 -12.79
N PHE A 123 -10.82 17.07 -11.87
CA PHE A 123 -10.50 16.53 -10.53
C PHE A 123 -11.74 16.74 -9.64
N GLU A 124 -12.82 16.06 -9.99
CA GLU A 124 -14.16 16.26 -9.40
C GLU A 124 -14.99 15.00 -9.61
N PRO A 125 -16.07 14.84 -8.83
CA PRO A 125 -16.87 13.62 -8.88
C PRO A 125 -17.50 13.23 -10.23
N PRO A 126 -17.98 14.16 -11.09
CA PRO A 126 -18.69 13.73 -12.31
C PRO A 126 -17.92 12.77 -13.23
N GLN A 127 -18.58 11.70 -13.68
CA GLN A 127 -18.08 10.68 -14.65
C GLN A 127 -19.13 10.41 -15.75
N TYR A 128 -18.68 10.19 -16.98
CA TYR A 128 -19.54 10.01 -18.19
C TYR A 128 -19.16 8.74 -18.95
N PRO A 129 -20.15 8.08 -19.58
CA PRO A 129 -19.87 6.91 -20.43
C PRO A 129 -19.31 7.29 -21.82
N TYR A 130 -18.63 8.44 -21.93
CA TYR A 130 -17.96 8.91 -23.18
C TYR A 130 -17.04 10.03 -22.75
N ILE A 131 -16.05 10.35 -23.58
CA ILE A 131 -15.20 11.56 -23.40
C ILE A 131 -16.04 12.76 -23.81
N PRO A 132 -16.39 13.68 -22.87
CA PRO A 132 -17.24 14.82 -23.21
C PRO A 132 -16.57 15.84 -24.15
N ALA A 133 -17.40 16.74 -24.69
CA ALA A 133 -17.01 17.70 -25.74
C ALA A 133 -15.96 18.63 -25.16
N HIS A 134 -14.88 18.84 -25.91
CA HIS A 134 -13.81 19.83 -25.65
C HIS A 134 -12.75 19.21 -24.71
N ILE A 135 -12.95 17.98 -24.20
CA ILE A 135 -12.01 17.35 -23.23
C ILE A 135 -10.96 16.51 -23.99
N THR A 136 -9.69 16.93 -23.88
CA THR A 136 -8.52 16.32 -24.55
C THR A 136 -7.69 15.54 -23.51
N LYS A 137 -7.73 15.97 -22.26
CA LYS A 137 -6.90 15.38 -21.18
C LYS A 137 -7.82 14.89 -20.07
N PRO A 138 -8.56 13.77 -20.25
CA PRO A 138 -9.34 13.21 -19.15
C PRO A 138 -8.41 12.78 -18.01
N LYS A 139 -8.88 12.95 -16.78
CA LYS A 139 -8.09 12.73 -15.54
C LYS A 139 -8.20 11.28 -15.06
N GLU A 140 -9.30 10.57 -15.36
CA GLU A 140 -9.43 9.13 -15.04
C GLU A 140 -10.18 8.41 -16.15
N HIS A 141 -9.75 7.18 -16.44
CA HIS A 141 -10.43 6.20 -17.33
C HIS A 141 -10.72 4.93 -16.53
N LYS A 142 -12.00 4.58 -16.40
CA LYS A 142 -12.47 3.40 -15.62
C LYS A 142 -13.09 2.37 -16.58
N LYS A 143 -12.71 1.11 -16.43
N LYS A 143 -12.69 1.11 -16.44
CA LYS A 143 -13.16 -0.03 -17.28
CA LYS A 143 -13.13 -0.05 -17.26
C LYS A 143 -13.84 -1.09 -16.40
C LYS A 143 -13.87 -1.06 -16.35
N LEU A 144 -15.04 -1.51 -16.78
CA LEU A 144 -15.83 -2.55 -16.07
C LEU A 144 -15.79 -3.87 -16.85
N PHE A 145 -15.55 -4.97 -16.15
CA PHE A 145 -15.47 -6.35 -16.69
C PHE A 145 -16.48 -7.24 -15.93
N LEU A 146 -17.14 -8.15 -16.65
CA LEU A 146 -17.94 -9.24 -16.04
C LEU A 146 -16.97 -10.34 -15.59
N VAL A 147 -17.05 -10.73 -14.33
CA VAL A 147 -16.21 -11.81 -13.71
C VAL A 147 -17.08 -13.07 -13.61
N GLN A 148 -16.77 -14.12 -14.38
CA GLN A 148 -17.53 -15.41 -14.25
C GLN A 148 -17.00 -16.16 -13.02
N LEU A 149 -17.86 -16.34 -12.03
CA LEU A 149 -17.54 -17.16 -10.83
C LEU A 149 -17.61 -18.66 -11.11
N GLN A 150 -16.79 -19.40 -10.35
CA GLN A 150 -16.84 -20.88 -10.29
C GLN A 150 -18.12 -21.29 -9.53
N GLU A 151 -18.48 -22.55 -9.65
CA GLU A 151 -19.65 -23.16 -8.95
C GLU A 151 -19.59 -22.85 -7.45
N LYS A 152 -18.42 -23.02 -6.83
CA LYS A 152 -18.23 -22.71 -5.39
C LYS A 152 -16.93 -21.97 -5.12
N ALA A 153 -16.88 -21.15 -4.08
CA ALA A 153 -15.66 -20.43 -3.69
C ALA A 153 -15.78 -19.95 -2.24
N LEU A 154 -14.65 -19.72 -1.59
CA LEU A 154 -14.55 -19.08 -0.27
C LEU A 154 -13.88 -17.73 -0.50
N PHE A 155 -14.53 -16.66 -0.06
CA PHE A 155 -14.06 -15.25 -0.14
C PHE A 155 -13.74 -14.80 1.29
N ALA A 156 -12.70 -14.00 1.46
CA ALA A 156 -12.31 -13.40 2.76
C ALA A 156 -12.54 -11.91 2.64
N VAL A 157 -13.55 -11.43 3.32
CA VAL A 157 -14.00 -10.01 3.30
C VAL A 157 -13.33 -9.26 4.44
N PRO A 158 -12.54 -8.21 4.14
CA PRO A 158 -12.04 -7.32 5.17
C PRO A 158 -13.11 -6.89 6.19
N LYS A 159 -12.75 -6.95 7.49
CA LYS A 159 -13.66 -6.75 8.66
C LYS A 159 -14.28 -5.34 8.61
N ASN A 160 -13.66 -4.37 7.95
CA ASN A 160 -14.21 -2.99 7.78
C ASN A 160 -15.25 -2.90 6.64
N TYR A 161 -15.53 -3.98 5.90
CA TYR A 161 -16.51 -4.05 4.79
C TYR A 161 -17.55 -5.14 5.07
N LYS A 162 -18.75 -5.06 4.47
CA LYS A 162 -19.65 -6.23 4.25
C LYS A 162 -19.81 -6.46 2.73
N LEU A 163 -19.80 -7.72 2.29
CA LEU A 163 -20.14 -8.11 0.90
C LEU A 163 -21.64 -8.40 0.84
N VAL A 164 -22.42 -7.53 0.19
CA VAL A 164 -23.92 -7.64 0.06
C VAL A 164 -24.31 -8.03 -1.38
N ALA A 165 -25.39 -8.81 -1.49
CA ALA A 165 -26.00 -9.31 -2.74
C ALA A 165 -27.21 -8.43 -3.06
N ALA A 166 -27.07 -7.58 -4.08
CA ALA A 166 -28.10 -6.62 -4.49
C ALA A 166 -28.87 -7.16 -5.69
N PRO A 167 -30.21 -7.22 -5.60
CA PRO A 167 -31.03 -7.60 -6.73
C PRO A 167 -30.99 -6.42 -7.70
N LEU A 168 -31.16 -6.70 -8.99
CA LEU A 168 -31.17 -5.67 -10.07
C LEU A 168 -32.20 -4.58 -9.78
N PHE A 169 -33.43 -4.97 -9.40
CA PHE A 169 -34.54 -3.99 -9.24
C PHE A 169 -34.12 -2.91 -8.23
N GLU A 170 -33.34 -3.28 -7.20
CA GLU A 170 -32.93 -2.30 -6.17
C GLU A 170 -31.95 -1.30 -6.78
N LEU A 171 -31.14 -1.70 -7.76
CA LEU A 171 -30.15 -0.80 -8.41
C LEU A 171 -30.90 0.12 -9.38
N TYR A 172 -31.92 -0.41 -10.06
CA TYR A 172 -32.52 0.21 -11.26
C TYR A 172 -33.12 1.56 -10.86
N ASP A 173 -32.76 2.61 -11.60
CA ASP A 173 -33.26 3.99 -11.48
C ASP A 173 -32.86 4.60 -10.13
N ASN A 174 -31.79 4.10 -9.49
CA ASN A 174 -31.41 4.45 -8.08
C ASN A 174 -29.99 5.03 -8.04
N ALA A 175 -29.73 6.07 -8.84
CA ALA A 175 -28.44 6.78 -8.92
C ALA A 175 -28.15 7.52 -7.62
N PRO A 176 -29.17 8.14 -6.97
CA PRO A 176 -28.97 8.82 -5.70
C PRO A 176 -28.41 7.81 -4.68
N GLY A 177 -28.98 6.62 -4.62
CA GLY A 177 -28.54 5.55 -3.70
C GLY A 177 -27.17 5.02 -4.06
N TYR A 178 -26.85 4.89 -5.35
CA TYR A 178 -25.70 4.05 -5.79
C TYR A 178 -24.75 4.79 -6.72
N GLY A 179 -25.16 5.93 -7.26
CA GLY A 179 -24.36 6.64 -8.28
C GLY A 179 -24.61 6.05 -9.67
N PRO A 180 -24.09 6.74 -10.71
CA PRO A 180 -24.49 6.47 -12.09
C PRO A 180 -23.94 5.17 -12.67
N ILE A 181 -22.86 4.62 -12.12
CA ILE A 181 -22.21 3.41 -12.73
C ILE A 181 -22.97 2.18 -12.24
N ILE A 182 -23.10 2.01 -10.94
CA ILE A 182 -23.83 0.85 -10.35
C ILE A 182 -25.34 0.93 -10.71
N SER A 183 -25.98 2.10 -10.69
CA SER A 183 -27.43 2.26 -11.04
C SER A 183 -27.67 1.80 -12.48
N SER A 184 -26.67 1.81 -13.38
CA SER A 184 -26.95 1.38 -14.78
C SER A 184 -26.47 -0.05 -15.05
N LEU A 185 -26.13 -0.85 -14.03
CA LEU A 185 -25.76 -2.27 -14.26
C LEU A 185 -26.93 -3.09 -14.81
N PRO A 186 -28.19 -2.89 -14.35
CA PRO A 186 -29.30 -3.65 -14.93
C PRO A 186 -29.39 -3.53 -16.47
N GLN A 187 -29.30 -2.32 -17.01
CA GLN A 187 -29.25 -2.07 -18.49
C GLN A 187 -28.05 -2.81 -19.10
N LEU A 188 -26.85 -2.65 -18.52
CA LEU A 188 -25.58 -3.22 -19.03
C LEU A 188 -25.56 -4.76 -18.95
N LEU A 189 -26.34 -5.39 -18.06
CA LEU A 189 -26.36 -6.87 -17.93
C LEU A 189 -27.51 -7.50 -18.74
N SER A 190 -28.43 -6.71 -19.28
CA SER A 190 -29.65 -7.22 -19.97
C SER A 190 -29.27 -8.01 -21.22
N ARG A 191 -28.10 -7.78 -21.82
CA ARG A 191 -27.66 -8.50 -23.05
C ARG A 191 -27.22 -9.94 -22.76
N PHE A 192 -27.00 -10.34 -21.51
CA PHE A 192 -26.48 -11.71 -21.24
C PHE A 192 -27.67 -12.70 -21.16
N ASN A 193 -27.42 -13.93 -21.61
CA ASN A 193 -28.26 -15.13 -21.38
C ASN A 193 -27.76 -15.86 -20.11
N PHE A 194 -28.32 -15.54 -18.96
CA PHE A 194 -27.90 -16.15 -17.69
C PHE A 194 -28.49 -17.57 -17.56
N ILE A 195 -27.67 -18.57 -17.22
CA ILE A 195 -28.11 -19.95 -16.83
C ILE A 195 -28.18 -20.01 -15.30
N TYR A 196 -29.34 -20.36 -14.74
CA TYR A 196 -29.57 -20.36 -13.27
C TYR A 196 -29.33 -21.78 -12.80
N ASN A 197 -28.14 -22.06 -12.26
CA ASN A 197 -27.72 -23.46 -11.94
C ASN A 197 -28.10 -23.77 -10.50
N SER B 1 20.75 8.38 -20.00
CA SER B 1 22.02 7.67 -19.65
C SER B 1 22.58 8.17 -18.32
N MET B 2 22.17 9.36 -17.87
CA MET B 2 22.14 9.71 -16.41
C MET B 2 20.79 9.24 -15.86
N LEU B 3 20.77 7.96 -15.46
CA LEU B 3 19.66 7.26 -14.78
C LEU B 3 19.89 7.31 -13.26
N GLU B 4 20.80 8.19 -12.80
CA GLU B 4 21.25 8.30 -11.39
C GLU B 4 20.55 9.48 -10.69
N ARG B 5 19.88 9.21 -9.57
CA ARG B 5 19.34 10.22 -8.63
C ARG B 5 20.50 10.94 -7.94
N THR B 6 20.38 12.26 -7.79
CA THR B 6 21.41 13.13 -7.20
C THR B 6 21.01 13.46 -5.77
N ILE B 7 21.91 13.21 -4.82
CA ILE B 7 21.62 13.48 -3.37
C ILE B 7 22.69 14.41 -2.78
N ASN B 8 22.27 15.56 -2.24
CA ASN B 8 23.16 16.50 -1.52
C ASN B 8 23.55 15.87 -0.16
N LEU B 9 24.85 15.75 0.12
CA LEU B 9 25.37 15.40 1.48
C LEU B 9 26.03 16.64 2.08
N TYR B 10 26.01 16.78 3.42
CA TYR B 10 26.69 17.88 4.14
C TYR B 10 27.61 17.32 5.22
N PRO B 11 28.61 18.11 5.67
CA PRO B 11 29.59 17.62 6.62
C PRO B 11 28.90 17.35 7.95
N LEU B 12 29.37 16.32 8.64
CA LEU B 12 28.87 15.92 9.96
C LEU B 12 28.88 17.12 10.95
N THR B 13 29.88 17.99 10.88
CA THR B 13 29.96 19.18 11.77
C THR B 13 28.85 20.21 11.47
N ASN B 14 28.15 20.11 10.34
CA ASN B 14 26.96 20.99 10.07
C ASN B 14 25.82 20.64 11.03
N TYR B 15 25.87 19.49 11.73
CA TYR B 15 24.73 19.01 12.56
C TYR B 15 25.08 19.12 14.04
N THR B 16 24.07 19.42 14.88
CA THR B 16 24.19 19.57 16.35
C THR B 16 23.52 18.38 17.02
N PHE B 17 24.25 17.59 17.80
CA PHE B 17 23.71 16.39 18.49
C PHE B 17 23.42 16.75 19.95
N GLY B 18 22.17 17.06 20.26
CA GLY B 18 21.69 17.33 21.63
C GLY B 18 21.08 16.07 22.26
N THR B 19 20.55 16.17 23.48
CA THR B 19 20.09 15.03 24.30
C THR B 19 18.71 15.35 24.88
N LYS B 20 17.88 14.32 25.10
CA LYS B 20 16.54 14.43 25.74
C LYS B 20 16.30 13.18 26.58
N GLU B 21 15.08 13.02 27.11
CA GLU B 21 14.75 11.96 28.10
C GLU B 21 14.92 10.61 27.42
N PRO B 22 15.19 9.54 28.19
CA PRO B 22 15.37 8.21 27.59
C PRO B 22 14.09 7.77 26.84
N LEU B 23 14.28 6.92 25.82
CA LEU B 23 13.19 6.28 25.04
C LEU B 23 13.44 4.78 25.11
N TYR B 24 12.43 4.02 25.54
CA TYR B 24 12.51 2.56 25.82
C TYR B 24 11.69 1.83 24.76
N GLU B 25 12.10 0.62 24.39
CA GLU B 25 11.38 -0.29 23.46
C GLU B 25 10.08 -0.76 24.12
N LYS B 26 8.98 -0.80 23.36
CA LYS B 26 7.59 -1.10 23.83
C LYS B 26 7.49 -2.54 24.39
N ASP B 27 8.44 -3.43 24.06
CA ASP B 27 8.53 -4.85 24.53
C ASP B 27 9.70 -4.99 25.51
N SER B 28 9.52 -5.78 26.58
CA SER B 28 10.52 -5.97 27.68
C SER B 28 11.55 -7.07 27.34
N SER B 29 11.31 -7.91 26.32
CA SER B 29 12.07 -9.17 26.08
C SER B 29 11.76 -9.77 24.70
N VAL B 30 12.70 -10.58 24.18
CA VAL B 30 12.59 -11.35 22.89
C VAL B 30 11.29 -12.15 22.88
N ALA B 31 10.97 -12.82 23.99
CA ALA B 31 9.76 -13.66 24.13
C ALA B 31 8.53 -12.77 23.94
N ALA B 32 8.45 -11.66 24.68
CA ALA B 32 7.32 -10.70 24.70
C ALA B 32 7.18 -9.99 23.35
N ARG B 33 8.29 -9.87 22.61
CA ARG B 33 8.31 -9.30 21.24
C ARG B 33 7.48 -10.20 20.32
N PHE B 34 7.87 -11.47 20.23
CA PHE B 34 7.26 -12.49 19.34
C PHE B 34 5.83 -12.84 19.79
N GLN B 35 5.51 -12.71 21.09
CA GLN B 35 4.12 -12.87 21.59
C GLN B 35 3.26 -11.68 21.15
N ARG B 36 3.75 -10.44 21.24
CA ARG B 36 2.93 -9.24 20.87
C ARG B 36 2.69 -9.24 19.36
N MET B 37 3.66 -9.75 18.58
CA MET B 37 3.59 -9.84 17.11
C MET B 37 2.42 -10.78 16.74
N ARG B 38 2.34 -11.96 17.38
CA ARG B 38 1.21 -12.94 17.25
C ARG B 38 -0.14 -12.28 17.59
N GLU B 39 -0.24 -11.70 18.80
CA GLU B 39 -1.46 -11.02 19.30
C GLU B 39 -1.94 -10.04 18.22
N GLU B 40 -1.05 -9.19 17.73
CA GLU B 40 -1.39 -8.11 16.75
C GLU B 40 -1.63 -8.74 15.38
N PHE B 41 -0.89 -9.78 15.02
CA PHE B 41 -1.06 -10.42 13.69
C PHE B 41 -2.52 -10.87 13.56
N ASP B 42 -3.12 -11.37 14.65
CA ASP B 42 -4.50 -11.93 14.67
C ASP B 42 -5.55 -10.82 14.52
N LYS B 43 -5.34 -9.64 15.12
CA LYS B 43 -6.31 -8.50 15.12
C LYS B 43 -6.16 -7.69 13.82
N ILE B 44 -4.95 -7.26 13.44
CA ILE B 44 -4.74 -6.29 12.33
C ILE B 44 -3.90 -6.89 11.19
N GLY B 45 -3.35 -8.09 11.33
CA GLY B 45 -2.59 -8.73 10.23
C GLY B 45 -1.14 -8.29 10.21
N MET B 46 -0.50 -8.30 9.04
CA MET B 46 0.97 -8.15 8.84
C MET B 46 1.46 -6.87 9.53
N ARG B 47 2.40 -6.97 10.45
CA ARG B 47 3.11 -5.80 11.01
C ARG B 47 3.77 -5.03 9.85
N ARG B 48 3.66 -3.70 9.87
CA ARG B 48 4.21 -2.75 8.88
C ARG B 48 5.23 -1.84 9.58
N THR B 49 6.53 -1.99 9.25
N THR B 49 6.50 -1.96 9.19
CA THR B 49 7.64 -1.19 9.81
CA THR B 49 7.66 -1.23 9.78
C THR B 49 8.31 -0.34 8.71
C THR B 49 8.30 -0.35 8.70
N VAL B 50 8.83 0.82 9.11
CA VAL B 50 9.50 1.77 8.21
C VAL B 50 10.80 2.19 8.89
N GLU B 51 11.89 2.31 8.12
CA GLU B 51 13.18 2.81 8.63
C GLU B 51 13.78 3.91 7.72
N GLY B 52 14.43 4.89 8.35
CA GLY B 52 15.13 5.99 7.66
C GLY B 52 16.64 5.88 7.66
N VAL B 53 17.22 6.20 6.50
CA VAL B 53 18.67 6.15 6.23
C VAL B 53 19.10 7.62 6.00
N LEU B 54 19.79 8.16 6.98
CA LEU B 54 20.25 9.55 7.07
C LEU B 54 21.74 9.55 6.75
N ILE B 55 22.17 10.30 5.75
CA ILE B 55 23.58 10.28 5.28
C ILE B 55 24.25 11.64 5.49
N VAL B 56 25.53 11.62 5.93
CA VAL B 56 26.40 12.82 6.07
C VAL B 56 27.71 12.50 5.37
N HIS B 57 28.65 13.45 5.28
CA HIS B 57 30.01 13.07 4.86
C HIS B 57 31.03 13.63 5.84
N GLU B 58 32.21 13.02 5.87
N GLU B 58 32.18 12.95 5.88
CA GLU B 58 33.44 13.65 6.40
CA GLU B 58 33.46 13.43 6.45
C GLU B 58 34.61 13.06 5.62
C GLU B 58 34.55 13.05 5.45
N HIS B 59 35.40 13.94 4.99
N HIS B 59 35.40 14.00 5.06
CA HIS B 59 36.54 13.60 4.12
CA HIS B 59 36.53 13.80 4.11
C HIS B 59 36.03 13.20 2.72
C HIS B 59 36.02 13.20 2.78
N ARG B 60 34.81 13.59 2.38
CA ARG B 60 34.14 13.14 1.12
C ARG B 60 33.90 11.62 1.13
N LEU B 61 33.73 11.01 2.31
CA LEU B 61 33.22 9.62 2.46
C LEU B 61 31.79 9.66 2.99
N PRO B 62 30.82 8.95 2.40
CA PRO B 62 29.48 8.90 2.96
C PRO B 62 29.46 8.10 4.26
N HIS B 63 28.76 8.60 5.27
CA HIS B 63 28.51 7.91 6.55
C HIS B 63 27.01 7.84 6.80
N VAL B 64 26.54 6.69 7.28
CA VAL B 64 25.12 6.52 7.74
C VAL B 64 25.02 6.78 9.23
N LEU B 65 23.99 7.53 9.65
CA LEU B 65 23.71 7.78 11.10
C LEU B 65 22.97 6.57 11.67
N LEU B 66 23.53 5.94 12.71
CA LEU B 66 22.94 4.79 13.46
C LEU B 66 22.74 5.16 14.94
N LEU B 67 21.70 4.61 15.53
CA LEU B 67 21.45 4.57 16.98
C LEU B 67 22.21 3.40 17.60
N GLN B 68 23.12 3.71 18.53
CA GLN B 68 23.90 2.72 19.31
C GLN B 68 23.28 2.53 20.70
N LEU B 69 23.06 1.29 21.08
CA LEU B 69 22.72 0.91 22.48
C LEU B 69 23.82 0.01 23.01
N GLY B 70 24.38 0.36 24.17
CA GLY B 70 25.54 -0.31 24.77
C GLY B 70 26.76 -0.20 23.87
N THR B 71 27.52 -1.29 23.73
CA THR B 71 28.72 -1.39 22.86
C THR B 71 28.33 -1.93 21.47
N THR B 72 27.38 -2.85 21.43
CA THR B 72 27.25 -3.88 20.37
C THR B 72 25.95 -3.78 19.56
N PHE B 73 24.92 -3.08 20.03
CA PHE B 73 23.58 -3.05 19.39
C PHE B 73 23.45 -1.76 18.55
N PHE B 74 23.11 -1.90 17.27
CA PHE B 74 22.86 -0.76 16.34
C PHE B 74 21.49 -0.90 15.66
N LYS B 75 20.77 0.21 15.43
CA LYS B 75 19.52 0.17 14.65
C LYS B 75 19.31 1.49 13.93
N LEU B 76 18.54 1.46 12.85
CA LEU B 76 18.11 2.70 12.15
C LEU B 76 16.99 3.35 12.94
N PRO B 77 16.82 4.68 12.86
CA PRO B 77 15.61 5.30 13.37
C PRO B 77 14.40 4.85 12.53
N GLY B 78 13.31 4.53 13.21
CA GLY B 78 12.04 4.11 12.59
C GLY B 78 11.17 3.42 13.63
N GLY B 79 10.26 2.53 13.19
CA GLY B 79 9.29 1.86 14.07
C GLY B 79 8.03 1.42 13.33
N GLU B 80 6.95 1.17 14.08
CA GLU B 80 5.68 0.55 13.60
C GLU B 80 4.70 1.63 13.14
N LEU B 81 4.10 1.44 11.97
CA LEU B 81 2.94 2.25 11.48
C LEU B 81 1.70 1.89 12.28
N ASN B 82 0.84 2.87 12.52
CA ASN B 82 -0.56 2.71 13.04
C ASN B 82 -1.41 2.11 11.91
N PRO B 83 -2.57 1.48 12.23
CA PRO B 83 -3.48 0.97 11.20
C PRO B 83 -3.88 2.00 10.14
N GLY B 84 -3.67 1.70 8.86
CA GLY B 84 -4.02 2.57 7.73
C GLY B 84 -3.14 3.81 7.57
N GLU B 85 -2.06 3.98 8.34
CA GLU B 85 -1.18 5.19 8.25
C GLU B 85 -0.34 5.14 6.96
N ASP B 86 -0.25 6.22 6.20
CA ASP B 86 0.65 6.29 5.00
C ASP B 86 2.09 6.05 5.47
N GLU B 87 2.89 5.28 4.72
CA GLU B 87 4.29 4.86 5.05
C GLU B 87 5.20 6.08 5.25
N VAL B 88 5.16 7.04 4.32
CA VAL B 88 6.02 8.26 4.35
C VAL B 88 5.63 9.13 5.55
N GLU B 89 4.34 9.45 5.76
CA GLU B 89 3.92 10.37 6.87
C GLU B 89 4.19 9.66 8.21
N GLY B 90 4.01 8.34 8.24
CA GLY B 90 4.40 7.47 9.36
C GLY B 90 5.90 7.53 9.70
N LEU B 91 6.78 7.39 8.72
CA LEU B 91 8.25 7.51 8.99
C LEU B 91 8.57 8.93 9.51
N LYS B 92 7.96 9.98 8.96
CA LYS B 92 8.10 11.38 9.45
C LYS B 92 7.68 11.49 10.91
N ARG B 93 6.50 10.96 11.30
CA ARG B 93 6.08 10.95 12.74
C ARG B 93 7.15 10.29 13.62
N LEU B 94 7.69 9.14 13.21
CA LEU B 94 8.61 8.34 14.07
C LEU B 94 9.98 9.04 14.21
N MET B 95 10.50 9.58 13.09
N MET B 95 10.49 9.62 13.11
CA MET B 95 11.75 10.38 13.06
CA MET B 95 11.78 10.36 13.08
C MET B 95 11.68 11.46 14.14
C MET B 95 11.74 11.53 14.07
N THR B 96 10.60 12.26 14.10
CA THR B 96 10.36 13.38 15.05
C THR B 96 10.24 12.84 16.48
N GLU B 97 9.54 11.71 16.68
CA GLU B 97 9.43 11.04 18.01
C GLU B 97 10.84 10.70 18.52
N ILE B 98 11.70 10.15 17.68
CA ILE B 98 13.02 9.60 18.14
C ILE B 98 14.04 10.75 18.22
N LEU B 99 14.06 11.68 17.25
CA LEU B 99 15.18 12.62 17.08
C LEU B 99 14.73 14.08 17.09
N GLY B 100 13.43 14.36 17.18
CA GLY B 100 12.91 15.73 17.04
C GLY B 100 12.93 16.47 18.36
N ARG B 101 13.19 17.78 18.30
CA ARG B 101 13.43 18.71 19.44
C ARG B 101 12.29 18.61 20.46
N GLN B 102 12.54 19.01 21.71
CA GLN B 102 11.60 18.87 22.85
C GLN B 102 11.31 20.24 23.48
N ASP B 103 10.37 21.02 22.92
CA ASP B 103 9.86 20.94 21.56
C ASP B 103 9.82 22.38 21.06
N GLY B 104 9.84 22.63 19.73
CA GLY B 104 9.79 21.63 18.67
C GLY B 104 9.48 22.31 17.34
N VAL B 105 10.47 22.40 16.44
CA VAL B 105 10.57 23.37 15.29
C VAL B 105 9.31 23.44 14.43
N LEU B 106 8.84 22.33 13.82
CA LEU B 106 9.45 21.01 13.88
C LEU B 106 10.39 20.80 12.69
N GLN B 107 11.40 19.95 12.87
CA GLN B 107 12.34 19.51 11.79
C GLN B 107 11.57 18.61 10.82
N ASP B 108 10.91 19.18 9.80
CA ASP B 108 10.24 18.41 8.72
C ASP B 108 11.32 17.78 7.82
N TRP B 109 11.03 16.59 7.32
CA TRP B 109 12.00 15.66 6.67
C TRP B 109 11.67 15.57 5.17
N VAL B 110 12.64 15.37 4.29
CA VAL B 110 12.41 15.21 2.82
C VAL B 110 12.64 13.72 2.50
N ILE B 111 11.57 12.99 2.14
CA ILE B 111 11.58 11.51 1.91
C ILE B 111 10.96 11.22 0.54
N ASP B 112 11.79 11.00 -0.47
CA ASP B 112 11.37 10.81 -1.88
C ASP B 112 11.96 9.53 -2.50
N ASP B 113 12.68 8.68 -1.75
CA ASP B 113 13.32 7.48 -2.37
C ASP B 113 13.16 6.23 -1.50
N CYS B 114 12.65 5.14 -2.09
CA CYS B 114 12.59 3.77 -1.53
C CYS B 114 13.93 3.07 -1.78
N ILE B 115 14.58 2.58 -0.72
CA ILE B 115 15.93 1.94 -0.78
C ILE B 115 15.77 0.42 -0.98
N GLY B 116 14.78 -0.19 -0.30
CA GLY B 116 14.63 -1.64 -0.16
C GLY B 116 13.43 -2.09 0.67
N ASN B 117 13.20 -3.40 0.65
CA ASN B 117 12.06 -4.08 1.32
C ASN B 117 12.60 -5.36 2.00
N TRP B 118 12.23 -5.61 3.25
CA TRP B 118 12.57 -6.90 3.93
C TRP B 118 11.31 -7.53 4.48
N TRP B 119 11.25 -8.86 4.47
CA TRP B 119 10.05 -9.64 4.90
C TRP B 119 10.41 -10.69 5.97
N ARG B 120 9.55 -10.83 6.97
CA ARG B 120 9.67 -11.86 8.03
C ARG B 120 8.62 -12.97 7.78
N PRO B 121 9.03 -14.16 7.31
CA PRO B 121 8.06 -15.21 7.00
C PRO B 121 7.38 -15.82 8.23
N ASN B 122 8.05 -15.88 9.39
CA ASN B 122 7.55 -16.54 10.63
C ASN B 122 7.67 -15.64 11.84
N PHE B 123 7.20 -16.11 13.00
CA PHE B 123 7.40 -15.43 14.31
C PHE B 123 8.78 -15.79 14.85
N GLU B 124 9.83 -15.42 14.11
CA GLU B 124 11.25 -15.77 14.37
C GLU B 124 12.12 -14.63 13.86
N PRO B 125 13.40 -14.56 14.28
CA PRO B 125 14.28 -13.46 13.89
C PRO B 125 14.48 -13.30 12.39
N PRO B 126 14.59 -14.39 11.59
CA PRO B 126 14.99 -14.29 10.19
C PRO B 126 14.10 -13.37 9.32
N GLN B 127 14.78 -12.50 8.55
CA GLN B 127 14.15 -11.59 7.55
C GLN B 127 14.90 -11.72 6.21
N TYR B 128 14.19 -11.55 5.09
CA TYR B 128 14.73 -11.79 3.74
C TYR B 128 14.40 -10.60 2.84
N PRO B 129 15.25 -10.25 1.86
CA PRO B 129 15.00 -9.14 0.95
C PRO B 129 14.13 -9.55 -0.24
N TYR B 130 13.16 -10.40 0.01
CA TYR B 130 12.33 -11.10 -1.01
C TYR B 130 11.19 -11.80 -0.24
N ILE B 131 10.05 -12.04 -0.89
CA ILE B 131 8.95 -12.87 -0.29
C ILE B 131 9.28 -14.32 -0.56
N PRO B 132 9.51 -15.17 0.47
CA PRO B 132 10.00 -16.51 0.19
C PRO B 132 8.89 -17.41 -0.38
N ALA B 133 9.31 -18.38 -1.20
CA ALA B 133 8.49 -19.42 -1.88
C ALA B 133 7.35 -19.89 -0.97
N HIS B 134 6.11 -19.84 -1.49
CA HIS B 134 4.90 -20.46 -0.87
C HIS B 134 4.60 -19.76 0.47
N ILE B 135 5.24 -18.63 0.77
CA ILE B 135 4.84 -17.88 2.00
C ILE B 135 3.82 -16.82 1.60
N THR B 136 2.57 -17.00 2.03
CA THR B 136 1.41 -16.20 1.54
C THR B 136 1.07 -15.14 2.58
N LYS B 137 1.25 -15.44 3.86
CA LYS B 137 0.93 -14.50 4.94
C LYS B 137 2.22 -14.12 5.69
N PRO B 138 3.17 -13.33 5.13
CA PRO B 138 4.34 -12.91 5.89
C PRO B 138 3.90 -12.19 7.18
N LYS B 139 4.65 -12.30 8.28
CA LYS B 139 4.26 -11.70 9.59
C LYS B 139 4.71 -10.23 9.72
N GLU B 140 5.67 -9.80 8.91
CA GLU B 140 6.17 -8.39 8.93
C GLU B 140 6.75 -8.02 7.57
N HIS B 141 6.43 -6.79 7.14
CA HIS B 141 7.03 -6.10 5.97
C HIS B 141 7.74 -4.83 6.44
N LYS B 142 9.05 -4.75 6.17
CA LYS B 142 9.88 -3.58 6.53
C LYS B 142 10.27 -2.83 5.25
N LYS B 143 9.99 -1.53 5.20
CA LYS B 143 10.36 -0.60 4.12
C LYS B 143 11.48 0.33 4.58
N LEU B 144 12.47 0.57 3.74
CA LEU B 144 13.64 1.47 4.00
C LEU B 144 13.55 2.69 3.06
N PHE B 145 13.71 3.90 3.61
CA PHE B 145 13.69 5.17 2.84
C PHE B 145 15.02 5.92 3.05
N LEU B 146 15.54 6.53 1.98
CA LEU B 146 16.58 7.60 2.04
C LEU B 146 15.94 8.89 2.52
N VAL B 147 16.36 9.38 3.69
CA VAL B 147 15.88 10.68 4.25
C VAL B 147 16.95 11.75 3.96
N GLN B 148 16.63 12.69 3.07
CA GLN B 148 17.54 13.80 2.69
C GLN B 148 17.53 14.83 3.82
N LEU B 149 18.71 15.24 4.27
CA LEU B 149 18.89 16.19 5.40
C LEU B 149 18.99 17.59 4.81
N GLN B 150 18.63 18.60 5.59
CA GLN B 150 18.92 20.02 5.29
C GLN B 150 20.42 20.28 5.51
N GLU B 151 20.91 21.43 5.04
CA GLU B 151 22.33 21.84 5.14
C GLU B 151 22.73 21.82 6.62
N LYS B 152 21.85 22.32 7.51
CA LYS B 152 22.01 22.34 8.98
C LYS B 152 20.76 21.77 9.65
N ALA B 153 20.94 21.02 10.75
CA ALA B 153 19.82 20.58 11.60
C ALA B 153 20.32 20.33 13.03
N LEU B 154 19.39 20.31 13.97
CA LEU B 154 19.60 20.03 15.41
C LEU B 154 18.86 18.73 15.73
N PHE B 155 19.56 17.67 16.15
CA PHE B 155 18.97 16.37 16.59
C PHE B 155 18.96 16.26 18.11
N ALA B 156 17.80 15.93 18.69
CA ALA B 156 17.62 15.65 20.15
C ALA B 156 17.62 14.15 20.39
N VAL B 157 18.75 13.60 20.85
CA VAL B 157 19.03 12.13 20.88
C VAL B 157 18.66 11.63 22.28
N PRO B 158 17.71 10.66 22.40
CA PRO B 158 17.39 10.03 23.69
C PRO B 158 18.64 9.66 24.49
N LYS B 159 18.64 10.04 25.78
CA LYS B 159 19.78 9.84 26.72
C LYS B 159 20.33 8.40 26.66
N ASN B 160 19.50 7.37 26.50
CA ASN B 160 20.01 5.97 26.56
C ASN B 160 20.66 5.59 25.22
N TYR B 161 20.66 6.47 24.22
CA TYR B 161 21.30 6.18 22.91
C TYR B 161 22.43 7.15 22.66
N LYS B 162 23.41 6.74 21.84
CA LYS B 162 24.32 7.65 21.10
C LYS B 162 23.98 7.53 19.60
N LEU B 163 23.96 8.66 18.88
CA LEU B 163 23.86 8.70 17.40
C LEU B 163 25.27 8.67 16.82
N VAL B 164 25.62 7.66 16.01
CA VAL B 164 27.00 7.51 15.46
C VAL B 164 26.97 7.57 13.94
N ALA B 165 28.02 8.14 13.38
CA ALA B 165 28.22 8.27 11.92
C ALA B 165 29.16 7.15 11.45
N ALA B 166 28.63 6.13 10.78
CA ALA B 166 29.37 4.93 10.36
C ALA B 166 29.74 5.06 8.90
N PRO B 167 31.04 5.02 8.57
CA PRO B 167 31.44 5.01 7.17
C PRO B 167 30.97 3.72 6.49
N LEU B 168 30.75 3.77 5.17
CA LEU B 168 30.23 2.63 4.38
C LEU B 168 31.20 1.44 4.44
N PHE B 169 32.52 1.64 4.45
CA PHE B 169 33.48 0.50 4.44
C PHE B 169 33.34 -0.29 5.75
N GLU B 170 32.93 0.34 6.84
CA GLU B 170 32.80 -0.35 8.15
C GLU B 170 31.60 -1.29 8.14
N LEU B 171 30.51 -0.87 7.50
CA LEU B 171 29.24 -1.65 7.39
C LEU B 171 29.48 -2.88 6.49
N TYR B 172 30.15 -2.69 5.36
CA TYR B 172 30.44 -3.75 4.35
C TYR B 172 31.47 -4.74 4.91
N ASP B 173 32.56 -4.25 5.52
CA ASP B 173 33.72 -5.07 5.95
C ASP B 173 33.45 -5.78 7.29
N ASN B 174 32.31 -5.51 7.95
CA ASN B 174 31.94 -6.10 9.27
C ASN B 174 30.47 -6.50 9.28
N ALA B 175 30.03 -7.28 8.29
CA ALA B 175 28.63 -7.69 8.08
C ALA B 175 28.05 -8.32 9.35
N PRO B 176 28.70 -9.34 9.97
CA PRO B 176 28.11 -10.06 11.11
C PRO B 176 27.58 -9.13 12.21
N GLY B 177 28.42 -8.20 12.68
CA GLY B 177 28.10 -7.27 13.78
C GLY B 177 26.81 -6.51 13.54
N TYR B 178 26.67 -5.90 12.36
CA TYR B 178 25.60 -4.93 12.00
C TYR B 178 24.33 -5.64 11.55
N GLY B 179 24.42 -6.93 11.23
CA GLY B 179 23.26 -7.73 10.76
C GLY B 179 23.05 -7.54 9.26
N PRO B 180 22.13 -8.30 8.64
CA PRO B 180 22.00 -8.27 7.18
C PRO B 180 21.33 -7.05 6.52
N ILE B 181 20.50 -6.30 7.25
CA ILE B 181 19.87 -5.05 6.73
C ILE B 181 20.94 -3.93 6.69
N ILE B 182 21.50 -3.57 7.84
CA ILE B 182 22.48 -2.45 7.96
C ILE B 182 23.71 -2.76 7.11
N SER B 183 24.21 -4.00 7.09
CA SER B 183 25.46 -4.34 6.35
C SER B 183 25.26 -4.34 4.82
N SER B 184 24.03 -4.35 4.28
CA SER B 184 23.83 -4.24 2.80
C SER B 184 23.46 -2.79 2.39
N LEU B 185 23.46 -1.83 3.34
CA LEU B 185 23.21 -0.40 3.01
C LEU B 185 24.20 0.11 1.98
N PRO B 186 25.51 -0.24 2.00
CA PRO B 186 26.42 0.25 0.95
C PRO B 186 25.96 -0.15 -0.46
N GLN B 187 25.64 -1.44 -0.69
CA GLN B 187 25.15 -1.93 -2.01
C GLN B 187 23.93 -1.07 -2.42
N LEU B 188 23.00 -0.85 -1.49
CA LEU B 188 21.71 -0.15 -1.73
C LEU B 188 21.94 1.34 -2.02
N LEU B 189 23.02 1.93 -1.51
CA LEU B 189 23.31 3.36 -1.73
C LEU B 189 24.21 3.57 -2.94
N SER B 190 24.75 2.52 -3.55
CA SER B 190 25.75 2.64 -4.63
C SER B 190 25.15 3.35 -5.85
N ARG B 191 23.86 3.19 -6.11
CA ARG B 191 23.23 3.79 -7.35
C ARG B 191 23.15 5.34 -7.25
N PHE B 192 23.30 5.96 -6.07
CA PHE B 192 23.09 7.42 -5.87
C PHE B 192 24.35 8.22 -6.27
N ASN B 193 24.14 9.33 -6.96
CA ASN B 193 25.18 10.33 -7.30
C ASN B 193 25.23 11.32 -6.14
N PHE B 194 26.17 11.12 -5.20
CA PHE B 194 26.32 11.93 -3.97
C PHE B 194 27.15 13.19 -4.31
N ILE B 195 26.63 14.34 -3.89
CA ILE B 195 27.28 15.68 -3.98
C ILE B 195 27.82 16.00 -2.59
N TYR B 196 29.12 16.30 -2.47
CA TYR B 196 29.83 16.59 -1.19
C TYR B 196 29.93 18.10 -0.99
N ASN B 197 29.04 18.66 -0.19
CA ASN B 197 28.91 20.11 0.01
C ASN B 197 29.85 20.56 1.12
#